data_6D6J
#
_entry.id   6D6J
#
_cell.length_a   55.510
_cell.length_b   56.480
_cell.length_c   83.300
_cell.angle_alpha   90.000
_cell.angle_beta   90.000
_cell.angle_gamma   90.000
#
_symmetry.space_group_name_H-M   'P 21 21 21'
#
loop_
_entity.id
_entity.type
_entity.pdbx_description
1 polymer 'HIT family hydrolase'
2 non-polymer 'ZINC ION'
3 non-polymer 'CHLORIDE ION'
4 water water
#
_entity_poly.entity_id   1
_entity_poly.type   'polypeptide(L)'
_entity_poly.pdbx_seq_one_letter_code
;MAHHHHHHMNCLFCKIAQGEIPATVVFEDKNILAFRDIRPQAPTHLLIIPKKHIATINDVNDDDSELLANILIRAKKLAQ
AEGLSEMGYRLVFNVNSGGGQEVYHIHLHLLGGRQMTWPPG
;
_entity_poly.pdbx_strand_id   A,B
#
loop_
_chem_comp.id
_chem_comp.type
_chem_comp.name
_chem_comp.formula
CL non-polymer 'CHLORIDE ION' 'Cl -1'
ZN non-polymer 'ZINC ION' 'Zn 2'
#
# COMPACT_ATOMS: atom_id res chain seq x y z
N ASN A 10 -26.06 -1.96 1.94
CA ASN A 10 -25.93 -2.44 0.58
C ASN A 10 -24.46 -2.68 0.19
N CYS A 11 -23.58 -2.76 1.17
CA CYS A 11 -22.15 -2.86 0.91
C CYS A 11 -21.71 -4.32 1.04
N LEU A 12 -21.15 -4.85 -0.04
CA LEU A 12 -20.70 -6.26 -0.04
C LEU A 12 -19.72 -6.53 1.08
N PHE A 13 -18.76 -5.63 1.30
CA PHE A 13 -17.72 -5.89 2.29
C PHE A 13 -18.23 -5.69 3.71
N CYS A 14 -19.20 -4.79 3.93
CA CYS A 14 -19.87 -4.75 5.23
C CYS A 14 -20.58 -6.06 5.50
N LYS A 15 -21.26 -6.61 4.49
CA LYS A 15 -21.95 -7.88 4.70
C LYS A 15 -20.96 -9.00 5.03
N ILE A 16 -19.80 -9.01 4.37
CA ILE A 16 -18.79 -10.01 4.68
C ILE A 16 -18.23 -9.79 6.08
N ALA A 17 -17.93 -8.53 6.40
CA ALA A 17 -17.40 -8.20 7.72
C ALA A 17 -18.31 -8.68 8.84
N GLN A 18 -19.63 -8.61 8.63
CA GLN A 18 -20.59 -8.95 9.66
C GLN A 18 -21.08 -10.39 9.59
N GLY A 19 -20.60 -11.17 8.64
CA GLY A 19 -20.99 -12.57 8.55
C GLY A 19 -22.29 -12.82 7.81
N GLU A 20 -22.84 -11.81 7.13
CA GLU A 20 -24.05 -12.02 6.34
C GLU A 20 -23.76 -12.67 4.99
N ILE A 21 -22.52 -12.57 4.50
CA ILE A 21 -22.08 -13.27 3.29
C ILE A 21 -20.82 -14.03 3.66
N PRO A 22 -20.75 -15.32 3.36
CA PRO A 22 -19.55 -16.10 3.70
CA PRO A 22 -19.55 -16.09 3.71
C PRO A 22 -18.35 -15.71 2.85
N ALA A 23 -17.17 -15.93 3.41
CA ALA A 23 -15.92 -15.73 2.70
C ALA A 23 -14.92 -16.73 3.25
N THR A 24 -13.78 -16.86 2.56
CA THR A 24 -12.70 -17.73 3.05
C THR A 24 -11.82 -16.87 3.95
N VAL A 25 -12.19 -16.85 5.23
CA VAL A 25 -11.59 -15.95 6.19
C VAL A 25 -10.26 -16.51 6.68
N VAL A 26 -9.22 -15.68 6.68
CA VAL A 26 -7.92 -16.07 7.22
C VAL A 26 -7.56 -15.33 8.49
N PHE A 27 -8.27 -14.25 8.82
CA PHE A 27 -8.00 -13.53 10.05
C PHE A 27 -9.23 -12.71 10.38
N GLU A 28 -9.54 -12.61 11.66
CA GLU A 28 -10.60 -11.73 12.12
C GLU A 28 -10.31 -11.23 13.52
N ASP A 29 -10.50 -9.93 13.74
CA ASP A 29 -10.59 -9.39 15.10
C ASP A 29 -11.70 -8.35 15.13
N LYS A 30 -11.79 -7.56 16.20
CA LYS A 30 -12.88 -6.59 16.31
C LYS A 30 -12.81 -5.52 15.25
N ASN A 31 -11.65 -5.28 14.66
CA ASN A 31 -11.43 -4.17 13.75
C ASN A 31 -11.20 -4.55 12.30
N ILE A 32 -10.74 -5.77 12.02
CA ILE A 32 -10.23 -6.14 10.71
CA ILE A 32 -10.20 -6.15 10.72
C ILE A 32 -10.72 -7.53 10.36
N LEU A 33 -10.96 -7.75 9.07
CA LEU A 33 -11.20 -9.07 8.53
CA LEU A 33 -11.22 -9.06 8.52
C LEU A 33 -10.32 -9.24 7.31
N ALA A 34 -9.71 -10.41 7.17
CA ALA A 34 -8.93 -10.72 5.98
C ALA A 34 -9.47 -12.02 5.38
N PHE A 35 -9.56 -12.05 4.06
CA PHE A 35 -10.13 -13.20 3.36
C PHE A 35 -9.46 -13.38 2.01
N ARG A 36 -9.59 -14.58 1.45
CA ARG A 36 -8.97 -14.87 0.17
C ARG A 36 -9.80 -14.28 -0.96
N ASP A 37 -9.13 -13.66 -1.92
CA ASP A 37 -9.81 -13.16 -3.11
C ASP A 37 -10.27 -14.36 -3.95
N ILE A 38 -11.52 -14.33 -4.40
CA ILE A 38 -12.04 -15.45 -5.18
C ILE A 38 -11.61 -15.40 -6.64
N ARG A 39 -10.94 -14.33 -7.07
CA ARG A 39 -10.32 -14.25 -8.38
C ARG A 39 -8.84 -13.95 -8.19
N PRO A 40 -8.08 -14.89 -7.62
CA PRO A 40 -6.72 -14.57 -7.17
C PRO A 40 -5.79 -14.30 -8.35
N GLN A 41 -5.00 -13.24 -8.21
CA GLN A 41 -4.05 -12.83 -9.24
C GLN A 41 -2.65 -13.30 -8.95
N ALA A 42 -2.49 -14.05 -7.86
CA ALA A 42 -1.22 -14.63 -7.45
C ALA A 42 -1.55 -15.81 -6.57
N PRO A 43 -0.60 -16.73 -6.35
CA PRO A 43 -0.92 -17.88 -5.49
C PRO A 43 -1.43 -17.46 -4.12
N THR A 44 -0.87 -16.41 -3.53
CA THR A 44 -1.47 -15.75 -2.38
C THR A 44 -2.12 -14.46 -2.86
N HIS A 45 -3.40 -14.31 -2.60
CA HIS A 45 -4.10 -13.06 -2.88
C HIS A 45 -5.13 -12.89 -1.78
N LEU A 46 -4.81 -12.04 -0.81
CA LEU A 46 -5.69 -11.76 0.31
C LEU A 46 -6.23 -10.35 0.19
N LEU A 47 -7.43 -10.14 0.73
CA LEU A 47 -8.03 -8.82 0.91
C LEU A 47 -8.11 -8.57 2.41
N ILE A 48 -7.61 -7.43 2.85
CA ILE A 48 -7.66 -7.02 4.25
C ILE A 48 -8.55 -5.80 4.32
N ILE A 49 -9.65 -5.91 5.07
CA ILE A 49 -10.63 -4.82 5.15
C ILE A 49 -10.79 -4.37 6.59
N PRO A 50 -11.03 -3.09 6.82
CA PRO A 50 -11.58 -2.69 8.11
C PRO A 50 -13.02 -3.15 8.20
N LYS A 51 -13.46 -3.47 9.40
CA LYS A 51 -14.89 -3.66 9.60
C LYS A 51 -15.65 -2.34 9.48
N LYS A 52 -15.01 -1.23 9.88
CA LYS A 52 -15.59 0.10 9.68
C LYS A 52 -15.70 0.40 8.18
N HIS A 53 -16.84 0.95 7.78
CA HIS A 53 -17.07 1.31 6.38
C HIS A 53 -16.43 2.66 6.05
N ILE A 54 -15.37 2.65 5.27
CA ILE A 54 -14.79 3.83 4.65
C ILE A 54 -14.83 3.55 3.15
N ALA A 55 -15.46 4.44 2.37
CA ALA A 55 -15.81 4.10 0.98
C ALA A 55 -14.58 4.01 0.08
N THR A 56 -13.64 4.95 0.23
CA THR A 56 -12.50 5.05 -0.65
C THR A 56 -11.35 5.65 0.13
N ILE A 57 -10.12 5.34 -0.29
CA ILE A 57 -8.95 5.98 0.33
C ILE A 57 -9.03 7.49 0.22
N ASN A 58 -9.76 8.01 -0.79
CA ASN A 58 -9.89 9.46 -0.93
C ASN A 58 -10.63 10.07 0.25
N ASP A 59 -11.32 9.27 1.06
CA ASP A 59 -12.06 9.74 2.24
C ASP A 59 -11.24 9.67 3.53
N VAL A 60 -10.02 9.15 3.50
CA VAL A 60 -9.24 8.95 4.71
C VAL A 60 -8.92 10.27 5.39
N ASN A 61 -8.90 10.24 6.74
CA ASN A 61 -8.53 11.40 7.55
C ASN A 61 -7.44 11.00 8.53
N ASP A 62 -6.91 11.99 9.26
CA ASP A 62 -5.82 11.71 10.18
C ASP A 62 -6.26 10.85 11.36
N ASP A 63 -7.54 10.91 11.73
CA ASP A 63 -8.03 10.03 12.77
C ASP A 63 -8.08 8.56 12.34
N ASP A 64 -7.90 8.27 11.06
CA ASP A 64 -7.76 6.89 10.60
C ASP A 64 -6.38 6.30 10.83
N SER A 65 -5.41 7.06 11.36
CA SER A 65 -4.05 6.54 11.39
CA SER A 65 -4.04 6.54 11.41
C SER A 65 -3.94 5.25 12.21
N GLU A 66 -4.66 5.16 13.33
CA GLU A 66 -4.60 3.94 14.14
C GLU A 66 -5.11 2.73 13.36
N LEU A 67 -6.26 2.87 12.71
CA LEU A 67 -6.84 1.77 11.95
C LEU A 67 -5.97 1.41 10.75
N LEU A 68 -5.45 2.41 10.04
CA LEU A 68 -4.61 2.13 8.88
C LEU A 68 -3.31 1.44 9.30
N ALA A 69 -2.72 1.85 10.42
CA ALA A 69 -1.55 1.15 10.94
C ALA A 69 -1.89 -0.29 11.26
N ASN A 70 -3.06 -0.53 11.86
CA ASN A 70 -3.51 -1.88 12.17
C ASN A 70 -3.63 -2.72 10.89
N ILE A 71 -4.24 -2.16 9.83
CA ILE A 71 -4.38 -2.87 8.57
C ILE A 71 -3.01 -3.23 8.00
N LEU A 72 -2.09 -2.27 7.99
CA LEU A 72 -0.79 -2.50 7.38
C LEU A 72 0.04 -3.50 8.17
N ILE A 73 0.04 -3.38 9.50
CA ILE A 73 0.75 -4.37 10.33
C ILE A 73 0.13 -5.75 10.19
N ARG A 74 -1.21 -5.82 10.12
CA ARG A 74 -1.85 -7.12 9.93
C ARG A 74 -1.45 -7.74 8.59
N ALA A 75 -1.33 -6.91 7.54
CA ALA A 75 -0.86 -7.40 6.25
C ALA A 75 0.56 -7.98 6.38
N LYS A 76 1.44 -7.25 7.07
CA LYS A 76 2.80 -7.74 7.31
C LYS A 76 2.79 -9.09 8.01
N LYS A 77 1.94 -9.23 9.04
CA LYS A 77 1.88 -10.47 9.80
C LYS A 77 1.29 -11.60 8.96
N LEU A 78 0.27 -11.31 8.16
CA LEU A 78 -0.29 -12.33 7.28
C LEU A 78 0.73 -12.78 6.25
N ALA A 79 1.50 -11.85 5.69
CA ALA A 79 2.56 -12.22 4.76
C ALA A 79 3.54 -13.17 5.42
N GLN A 80 3.91 -12.91 6.69
CA GLN A 80 4.82 -13.80 7.40
C GLN A 80 4.23 -15.20 7.55
N ALA A 81 3.00 -15.30 8.04
CA ALA A 81 2.39 -16.60 8.25
C ALA A 81 2.21 -17.37 6.94
N GLU A 82 1.95 -16.66 5.84
CA GLU A 82 1.80 -17.32 4.54
CA GLU A 82 1.80 -17.26 4.52
C GLU A 82 3.13 -17.73 3.93
N GLY A 83 4.25 -17.35 4.53
CA GLY A 83 5.55 -17.74 4.01
C GLY A 83 6.18 -16.77 3.04
N LEU A 84 5.70 -15.54 2.99
CA LEU A 84 6.10 -14.59 1.96
C LEU A 84 7.09 -13.53 2.41
N SER A 85 7.47 -13.49 3.69
CA SER A 85 8.25 -12.35 4.18
CA SER A 85 8.23 -12.35 4.18
C SER A 85 9.51 -12.15 3.37
N GLU A 86 10.27 -13.22 3.12
CA GLU A 86 11.52 -13.12 2.39
C GLU A 86 11.35 -13.33 0.90
N MET A 87 10.49 -14.27 0.49
CA MET A 87 10.25 -14.46 -0.92
CA MET A 87 10.19 -14.49 -0.92
C MET A 87 9.72 -13.19 -1.58
N GLY A 88 8.95 -12.40 -0.85
CA GLY A 88 8.49 -11.09 -1.28
C GLY A 88 6.99 -11.05 -1.50
N TYR A 89 6.45 -9.83 -1.45
CA TYR A 89 5.01 -9.65 -1.61
C TYR A 89 4.75 -8.20 -1.96
N ARG A 90 3.52 -7.93 -2.38
CA ARG A 90 3.11 -6.59 -2.80
C ARG A 90 1.80 -6.24 -2.12
N LEU A 91 1.70 -4.99 -1.64
CA LEU A 91 0.48 -4.45 -1.04
C LEU A 91 -0.08 -3.39 -1.96
N VAL A 92 -1.39 -3.46 -2.26
CA VAL A 92 -2.01 -2.53 -3.22
C VAL A 92 -3.31 -1.97 -2.66
N PHE A 93 -3.46 -0.64 -2.71
CA PHE A 93 -4.78 -0.02 -2.61
C PHE A 93 -5.15 0.54 -3.98
N ASN A 94 -6.33 0.19 -4.46
CA ASN A 94 -6.92 0.83 -5.63
C ASN A 94 -7.84 1.94 -5.15
N VAL A 95 -7.75 3.12 -5.77
CA VAL A 95 -8.51 4.28 -5.32
C VAL A 95 -9.35 4.82 -6.47
N ASN A 96 -10.68 4.67 -6.34
CA ASN A 96 -11.63 5.19 -7.32
C ASN A 96 -11.52 4.46 -8.65
N SER A 97 -12.33 4.82 -9.63
CA SER A 97 -12.49 3.97 -10.80
CA SER A 97 -12.48 3.97 -10.81
C SER A 97 -11.19 3.85 -11.60
N GLY A 98 -10.49 4.97 -11.77
CA GLY A 98 -9.24 4.95 -12.53
C GLY A 98 -8.12 4.21 -11.84
N GLY A 99 -8.25 3.97 -10.54
CA GLY A 99 -7.33 3.12 -9.81
C GLY A 99 -7.69 1.66 -9.84
N GLY A 100 -8.84 1.31 -10.39
CA GLY A 100 -9.33 -0.06 -10.42
C GLY A 100 -10.28 -0.43 -9.30
N GLN A 101 -10.68 0.51 -8.46
CA GLN A 101 -11.60 0.18 -7.39
C GLN A 101 -12.99 -0.07 -7.94
N GLU A 102 -13.63 -1.15 -7.49
CA GLU A 102 -15.00 -1.48 -7.88
C GLU A 102 -15.94 -1.54 -6.70
N VAL A 103 -15.48 -2.05 -5.55
CA VAL A 103 -16.30 -2.11 -4.34
C VAL A 103 -15.88 -0.93 -3.47
N TYR A 104 -16.85 -0.11 -3.09
CA TYR A 104 -16.59 1.13 -2.34
C TYR A 104 -16.62 0.91 -0.83
N HIS A 105 -15.70 0.05 -0.39
CA HIS A 105 -15.33 -0.14 1.00
C HIS A 105 -13.85 -0.47 0.92
N ILE A 106 -13.00 0.29 1.61
CA ILE A 106 -11.56 0.16 1.34
C ILE A 106 -11.06 -1.25 1.63
N HIS A 107 -10.08 -1.69 0.84
CA HIS A 107 -9.54 -3.05 0.95
C HIS A 107 -8.11 -3.02 0.47
N LEU A 108 -7.24 -3.61 1.27
CA LEU A 108 -5.83 -3.74 0.92
C LEU A 108 -5.61 -5.12 0.29
N HIS A 109 -5.03 -5.15 -0.91
CA HIS A 109 -4.65 -6.42 -1.54
C HIS A 109 -3.26 -6.81 -1.06
N LEU A 110 -3.09 -8.08 -0.71
CA LEU A 110 -1.78 -8.66 -0.40
CA LEU A 110 -1.79 -8.66 -0.41
C LEU A 110 -1.56 -9.76 -1.42
N LEU A 111 -0.52 -9.61 -2.23
CA LEU A 111 -0.23 -10.54 -3.33
C LEU A 111 1.18 -11.09 -3.19
N GLY A 112 1.33 -12.39 -3.43
CA GLY A 112 2.66 -12.96 -3.46
C GLY A 112 2.61 -14.41 -3.86
N GLY A 113 3.75 -15.08 -3.75
CA GLY A 113 3.87 -16.47 -4.15
C GLY A 113 4.29 -16.64 -5.58
N ARG A 114 4.55 -15.55 -6.28
CA ARG A 114 5.16 -15.53 -7.62
C ARG A 114 5.93 -14.22 -7.68
N GLN A 115 6.77 -14.08 -8.70
CA GLN A 115 7.41 -12.79 -8.93
C GLN A 115 6.37 -11.75 -9.30
N MET A 116 6.35 -10.63 -8.56
CA MET A 116 5.51 -9.50 -8.91
C MET A 116 6.28 -8.60 -9.87
N THR A 117 5.60 -8.10 -10.89
CA THR A 117 6.27 -7.47 -12.02
C THR A 117 5.98 -5.97 -12.08
N TRP A 118 6.69 -5.29 -12.98
CA TRP A 118 6.66 -3.83 -13.08
C TRP A 118 6.42 -3.52 -14.54
N PRO A 119 5.47 -2.63 -14.89
CA PRO A 119 4.67 -1.78 -14.00
C PRO A 119 3.58 -2.56 -13.23
N PRO A 120 3.08 -1.98 -12.15
CA PRO A 120 2.05 -2.66 -11.35
C PRO A 120 0.65 -2.36 -11.90
N GLY A 121 0.40 -2.84 -13.11
CA GLY A 121 -0.80 -2.49 -13.86
C GLY A 121 -0.74 -1.08 -14.40
N MET B 9 24.14 1.99 4.58
CA MET B 9 25.20 2.79 3.95
C MET B 9 24.95 2.93 2.45
N ASN B 10 25.12 4.14 1.94
CA ASN B 10 24.91 4.45 0.53
C ASN B 10 23.47 4.18 0.08
N CYS B 11 22.49 4.31 0.99
CA CYS B 11 21.08 4.20 0.61
C CYS B 11 20.69 5.38 -0.28
N LEU B 12 20.16 5.08 -1.47
CA LEU B 12 19.79 6.13 -2.42
C LEU B 12 18.75 7.07 -1.84
N PHE B 13 17.75 6.53 -1.12
CA PHE B 13 16.68 7.38 -0.63
C PHE B 13 17.11 8.21 0.57
N CYS B 14 18.03 7.69 1.40
CA CYS B 14 18.63 8.54 2.43
C CYS B 14 19.39 9.69 1.78
N LYS B 15 20.12 9.41 0.70
CA LYS B 15 20.83 10.49 0.02
C LYS B 15 19.88 11.54 -0.52
N ILE B 16 18.76 11.12 -1.11
CA ILE B 16 17.76 12.07 -1.57
C ILE B 16 17.22 12.87 -0.39
N ALA B 17 16.89 12.19 0.72
CA ALA B 17 16.34 12.87 1.87
C ALA B 17 17.34 13.81 2.51
N GLN B 18 18.63 13.60 2.26
CA GLN B 18 19.70 14.43 2.80
C GLN B 18 20.19 15.49 1.81
N GLY B 19 19.50 15.65 0.68
CA GLY B 19 19.85 16.70 -0.26
C GLY B 19 21.07 16.43 -1.10
N GLU B 20 21.55 15.19 -1.15
CA GLU B 20 22.81 14.88 -1.80
C GLU B 20 22.65 14.42 -3.25
N ILE B 21 21.43 14.10 -3.66
CA ILE B 21 21.12 13.66 -5.02
CA ILE B 21 21.10 13.63 -5.01
C ILE B 21 19.94 14.49 -5.48
N PRO B 22 19.97 15.08 -6.67
CA PRO B 22 18.84 15.91 -7.09
CA PRO B 22 18.84 15.91 -7.09
C PRO B 22 17.58 15.09 -7.29
N ALA B 23 16.44 15.68 -6.94
CA ALA B 23 15.14 15.03 -7.08
C ALA B 23 14.10 16.12 -7.08
N THR B 24 12.93 15.82 -7.65
CA THR B 24 11.81 16.76 -7.65
C THR B 24 10.95 16.46 -6.43
N VAL B 25 11.11 17.26 -5.39
CA VAL B 25 10.41 17.08 -4.12
C VAL B 25 9.06 17.78 -4.22
N VAL B 26 8.00 17.05 -3.92
CA VAL B 26 6.64 17.58 -3.98
C VAL B 26 6.01 17.74 -2.62
N PHE B 27 6.61 17.21 -1.56
CA PHE B 27 6.10 17.40 -0.21
C PHE B 27 7.22 17.13 0.76
N GLU B 28 7.25 17.90 1.85
CA GLU B 28 8.16 17.59 2.93
C GLU B 28 7.57 18.07 4.25
N ASP B 29 7.65 17.22 5.27
CA ASP B 29 7.41 17.67 6.65
C ASP B 29 8.52 17.15 7.52
N LYS B 30 8.35 17.18 8.85
CA LYS B 30 9.45 16.78 9.73
C LYS B 30 9.81 15.31 9.61
N ASN B 31 8.89 14.48 9.12
CA ASN B 31 9.08 13.03 9.14
C ASN B 31 9.03 12.34 7.79
N ILE B 32 8.47 12.99 6.78
CA ILE B 32 8.07 12.35 5.53
C ILE B 32 8.54 13.23 4.38
N LEU B 33 8.98 12.60 3.29
CA LEU B 33 9.35 13.30 2.07
C LEU B 33 8.67 12.60 0.89
N ALA B 34 8.23 13.39 -0.09
CA ALA B 34 7.67 12.81 -1.31
C ALA B 34 8.35 13.44 -2.52
N PHE B 35 8.62 12.62 -3.52
CA PHE B 35 9.36 13.08 -4.70
C PHE B 35 8.98 12.23 -5.90
N ARG B 36 9.32 12.72 -7.09
CA ARG B 36 9.00 11.94 -8.29
C ARG B 36 9.91 10.72 -8.44
N ASP B 37 9.33 9.60 -8.88
CA ASP B 37 10.12 8.48 -9.34
C ASP B 37 10.74 8.84 -10.69
N ILE B 38 12.06 8.68 -10.83
CA ILE B 38 12.73 9.03 -12.08
C ILE B 38 12.33 8.13 -13.24
N ARG B 39 11.78 6.94 -12.97
CA ARG B 39 11.35 6.00 -14.00
CA ARG B 39 11.35 6.01 -14.00
C ARG B 39 9.84 5.80 -13.86
N PRO B 40 9.05 6.82 -14.18
CA PRO B 40 7.62 6.76 -13.90
C PRO B 40 6.95 5.68 -14.75
N GLN B 41 6.05 4.95 -14.11
CA GLN B 41 5.31 3.86 -14.73
C GLN B 41 3.89 4.27 -15.12
N ALA B 42 3.53 5.51 -14.82
CA ALA B 42 2.24 6.09 -15.18
C ALA B 42 2.51 7.58 -15.42
N PRO B 43 1.55 8.30 -15.99
CA PRO B 43 1.83 9.72 -16.32
C PRO B 43 2.25 10.54 -15.13
N THR B 44 1.76 10.26 -13.92
CA THR B 44 2.32 10.78 -12.68
C THR B 44 2.70 9.59 -11.80
N HIS B 45 3.92 9.60 -11.29
CA HIS B 45 4.40 8.52 -10.42
C HIS B 45 5.25 9.13 -9.31
N LEU B 46 4.72 9.12 -8.09
CA LEU B 46 5.37 9.75 -6.94
C LEU B 46 5.74 8.67 -5.93
N LEU B 47 6.74 8.99 -5.11
CA LEU B 47 7.21 8.13 -4.04
C LEU B 47 7.09 8.88 -2.72
N ILE B 48 6.52 8.24 -1.71
CA ILE B 48 6.38 8.83 -0.38
C ILE B 48 7.20 7.97 0.58
N ILE B 49 8.17 8.60 1.24
CA ILE B 49 9.13 7.86 2.07
C ILE B 49 9.18 8.43 3.49
N PRO B 50 9.52 7.61 4.48
CA PRO B 50 9.98 8.18 5.75
C PRO B 50 11.38 8.76 5.59
N LYS B 51 11.67 9.83 6.35
CA LYS B 51 13.05 10.28 6.43
C LYS B 51 13.91 9.29 7.23
N LYS B 52 13.33 8.64 8.23
CA LYS B 52 14.01 7.54 8.92
C LYS B 52 14.26 6.38 7.95
N HIS B 53 15.45 5.79 8.04
CA HIS B 53 15.77 4.62 7.22
C HIS B 53 15.15 3.36 7.82
N ILE B 54 14.21 2.76 7.10
CA ILE B 54 13.62 1.48 7.43
C ILE B 54 13.69 0.68 6.14
N ALA B 55 14.27 -0.52 6.18
CA ALA B 55 14.63 -1.20 4.94
C ALA B 55 13.42 -1.72 4.18
N THR B 56 12.52 -2.45 4.86
CA THR B 56 11.35 -3.06 4.22
C THR B 56 10.15 -2.96 5.15
N ILE B 57 8.97 -3.24 4.61
CA ILE B 57 7.77 -3.29 5.44
C ILE B 57 7.92 -4.29 6.56
N ASN B 58 8.69 -5.37 6.34
CA ASN B 58 8.85 -6.37 7.40
C ASN B 58 9.56 -5.80 8.63
N ASP B 59 10.26 -4.68 8.47
CA ASP B 59 11.01 -4.06 9.54
C ASP B 59 10.22 -2.98 10.26
N VAL B 60 8.95 -2.79 9.91
CA VAL B 60 8.08 -1.85 10.61
C VAL B 60 7.41 -2.58 11.76
N ASN B 61 7.79 -2.23 12.97
CA ASN B 61 7.10 -2.80 14.12
C ASN B 61 6.17 -1.76 14.71
N ASP B 62 5.63 -2.06 15.88
CA ASP B 62 4.56 -1.20 16.36
C ASP B 62 5.03 0.23 16.59
N ASP B 63 6.32 0.43 16.93
CA ASP B 63 6.80 1.78 17.17
CA ASP B 63 6.88 1.76 17.16
C ASP B 63 6.94 2.61 15.90
N ASP B 64 6.92 2.01 14.71
CA ASP B 64 6.95 2.78 13.47
C ASP B 64 5.64 2.66 12.70
N SER B 65 4.62 1.99 13.28
CA SER B 65 3.42 1.74 12.49
C SER B 65 2.61 3.02 12.26
N GLU B 66 2.62 3.96 13.20
CA GLU B 66 1.96 5.24 12.98
C GLU B 66 2.63 6.02 11.85
N LEU B 67 3.97 6.04 11.82
CA LEU B 67 4.69 6.64 10.71
C LEU B 67 4.27 6.02 9.37
N LEU B 68 4.16 4.69 9.33
CA LEU B 68 3.74 4.03 8.09
C LEU B 68 2.33 4.44 7.68
N ALA B 69 1.41 4.50 8.64
CA ALA B 69 0.05 4.96 8.34
C ALA B 69 0.08 6.40 7.85
N ASN B 70 0.96 7.22 8.42
CA ASN B 70 1.02 8.62 8.03
C ASN B 70 1.61 8.80 6.63
N ILE B 71 2.46 7.87 6.20
CA ILE B 71 2.90 7.85 4.80
C ILE B 71 1.71 7.63 3.88
N LEU B 72 0.84 6.69 4.25
CA LEU B 72 -0.36 6.41 3.47
C LEU B 72 -1.31 7.61 3.46
N ILE B 73 -1.51 8.23 4.61
CA ILE B 73 -2.36 9.42 4.67
C ILE B 73 -1.77 10.54 3.84
N ARG B 74 -0.45 10.75 3.92
CA ARG B 74 0.15 11.79 3.09
C ARG B 74 -0.01 11.47 1.62
N ALA B 75 0.11 10.20 1.23
CA ALA B 75 -0.10 9.85 -0.18
C ALA B 75 -1.49 10.23 -0.68
N LYS B 76 -2.53 10.03 0.14
CA LYS B 76 -3.88 10.39 -0.30
C LYS B 76 -4.07 11.90 -0.37
N LYS B 77 -3.41 12.66 0.51
CA LYS B 77 -3.48 14.11 0.42
C LYS B 77 -2.74 14.59 -0.83
N LEU B 78 -1.57 14.00 -1.09
CA LEU B 78 -0.76 14.36 -2.24
C LEU B 78 -1.48 14.03 -3.54
N ALA B 79 -2.18 12.89 -3.58
CA ALA B 79 -2.93 12.54 -4.79
C ALA B 79 -3.96 13.61 -5.14
N GLN B 80 -4.59 14.22 -4.12
CA GLN B 80 -5.51 15.33 -4.37
C GLN B 80 -4.75 16.56 -4.87
N ALA B 81 -3.65 16.91 -4.21
CA ALA B 81 -2.89 18.10 -4.58
C ALA B 81 -2.39 18.00 -6.01
N GLU B 82 -2.11 16.79 -6.47
CA GLU B 82 -1.54 16.56 -7.79
C GLU B 82 -2.60 16.21 -8.83
N GLY B 83 -3.88 16.32 -8.47
CA GLY B 83 -4.93 16.18 -9.46
C GLY B 83 -5.24 14.75 -9.89
N LEU B 84 -4.93 13.76 -9.06
CA LEU B 84 -5.12 12.36 -9.43
C LEU B 84 -6.37 11.74 -8.85
N SER B 85 -6.94 12.35 -7.81
CA SER B 85 -7.94 11.66 -6.99
C SER B 85 -9.31 11.56 -7.64
N GLU B 86 -9.70 12.54 -8.45
CA GLU B 86 -11.02 12.48 -9.06
C GLU B 86 -11.13 11.32 -10.04
N MET B 87 -10.13 11.15 -10.90
CA MET B 87 -10.16 10.01 -11.82
C MET B 87 -9.81 8.73 -11.10
N GLY B 88 -8.84 8.78 -10.19
CA GLY B 88 -8.42 7.61 -9.43
C GLY B 88 -6.97 7.26 -9.64
N TYR B 89 -6.43 6.43 -8.75
CA TYR B 89 -4.99 6.19 -8.71
C TYR B 89 -4.75 4.91 -7.92
N ARG B 90 -3.50 4.46 -7.94
CA ARG B 90 -3.10 3.24 -7.25
C ARG B 90 -1.95 3.52 -6.29
N LEU B 91 -1.98 2.86 -5.14
CA LEU B 91 -0.92 2.93 -4.13
C LEU B 91 -0.30 1.55 -3.99
N VAL B 92 1.03 1.47 -4.00
CA VAL B 92 1.72 0.17 -3.97
C VAL B 92 2.89 0.21 -3.00
N PHE B 93 2.98 -0.78 -2.10
CA PHE B 93 4.22 -1.09 -1.40
C PHE B 93 4.77 -2.39 -1.97
N ASN B 94 6.04 -2.39 -2.37
CA ASN B 94 6.74 -3.60 -2.77
C ASN B 94 7.60 -4.06 -1.59
N VAL B 95 7.67 -5.37 -1.38
CA VAL B 95 8.45 -5.90 -0.27
C VAL B 95 9.38 -7.00 -0.80
N ASN B 96 10.68 -6.73 -0.72
CA ASN B 96 11.73 -7.67 -1.12
C ASN B 96 11.74 -7.95 -2.62
N SER B 97 12.71 -8.73 -3.09
CA SER B 97 12.90 -8.85 -4.52
CA SER B 97 12.91 -8.87 -4.53
C SER B 97 11.68 -9.46 -5.21
N GLY B 98 11.05 -10.47 -4.60
CA GLY B 98 9.89 -11.09 -5.20
C GLY B 98 8.70 -10.15 -5.28
N GLY B 99 8.67 -9.12 -4.43
CA GLY B 99 7.65 -8.09 -4.50
C GLY B 99 8.00 -6.95 -5.43
N GLY B 100 9.21 -6.94 -6.00
CA GLY B 100 9.65 -5.88 -6.89
C GLY B 100 10.47 -4.79 -6.23
N GLN B 101 10.79 -4.92 -4.95
CA GLN B 101 11.55 -3.88 -4.27
C GLN B 101 13.01 -3.91 -4.73
N GLU B 102 13.54 -2.76 -5.10
CA GLU B 102 14.95 -2.66 -5.48
C GLU B 102 15.75 -1.76 -4.55
N VAL B 103 15.14 -0.70 -4.03
CA VAL B 103 15.79 0.21 -3.10
C VAL B 103 15.30 -0.17 -1.71
N TYR B 104 16.24 -0.46 -0.81
CA TYR B 104 15.93 -0.98 0.51
C TYR B 104 15.77 0.13 1.55
N HIS B 105 14.80 1.01 1.24
CA HIS B 105 14.30 2.06 2.13
C HIS B 105 12.82 2.15 1.77
N ILE B 106 11.93 1.97 2.75
CA ILE B 106 10.52 1.83 2.41
CA ILE B 106 10.49 1.87 2.47
C ILE B 106 10.02 3.04 1.62
N HIS B 107 9.13 2.76 0.67
CA HIS B 107 8.57 3.80 -0.17
C HIS B 107 7.19 3.35 -0.64
N LEU B 108 6.25 4.27 -0.56
CA LEU B 108 4.91 4.04 -1.11
C LEU B 108 4.86 4.66 -2.51
N HIS B 109 4.47 3.84 -3.50
CA HIS B 109 4.30 4.34 -4.86
C HIS B 109 2.89 4.91 -5.01
N LEU B 110 2.78 6.07 -5.64
CA LEU B 110 1.51 6.69 -5.99
C LEU B 110 1.51 6.85 -7.51
N LEU B 111 0.63 6.12 -8.18
CA LEU B 111 0.59 6.09 -9.65
C LEU B 111 -0.78 6.56 -10.13
N GLY B 112 -0.78 7.50 -11.07
CA GLY B 112 -2.04 7.92 -11.65
C GLY B 112 -1.85 8.60 -12.98
N GLY B 113 -2.95 9.18 -13.48
CA GLY B 113 -2.94 9.88 -14.74
C GLY B 113 -3.33 9.02 -15.92
N ARG B 114 -3.62 7.76 -15.69
CA ARG B 114 -4.21 6.87 -16.67
C ARG B 114 -5.02 5.83 -15.93
N GLN B 115 -5.79 5.05 -16.67
CA GLN B 115 -6.46 3.90 -16.08
C GLN B 115 -5.42 2.89 -15.63
N MET B 116 -5.47 2.50 -14.36
CA MET B 116 -4.63 1.43 -13.84
C MET B 116 -5.36 0.11 -14.07
N THR B 117 -4.62 -0.93 -14.44
CA THR B 117 -5.22 -2.18 -14.92
C THR B 117 -4.93 -3.32 -13.95
N TRP B 118 -5.54 -4.47 -14.24
CA TRP B 118 -5.52 -5.59 -13.32
C TRP B 118 -5.05 -6.81 -14.10
N PRO B 119 -4.11 -7.61 -13.56
CA PRO B 119 -3.53 -7.55 -12.22
C PRO B 119 -2.51 -6.40 -12.07
N PRO B 120 -2.16 -6.07 -10.83
CA PRO B 120 -1.20 -4.97 -10.59
C PRO B 120 0.22 -5.49 -10.63
N GLY B 121 0.64 -5.95 -11.81
CA GLY B 121 1.89 -6.67 -11.95
C GLY B 121 1.80 -8.08 -11.43
ZN ZN C . -18.88 -1.37 3.73
CL CL D . -2.09 -13.16 10.95
CL CL E . -14.33 -10.52 16.23
CL CL F . -7.94 -0.04 14.92
ZN ZN G . 17.63 4.97 3.56
CL CL H . 0.33 17.13 -0.12
#